data_8KC4
#
_entry.id   8KC4
#
_cell.length_a   40.535
_cell.length_b   59.101
_cell.length_c   67.956
_cell.angle_alpha   90.000
_cell.angle_beta   90.000
_cell.angle_gamma   90.000
#
_symmetry.space_group_name_H-M   'P 21 21 21'
#
loop_
_entity.id
_entity.type
_entity.pdbx_description
1 polymer 'De novo design protein -NA05'
2 water water
#
_entity_poly.entity_id   1
_entity_poly.type   'polypeptide(L)'
_entity_poly.pdbx_seq_one_letter_code
;GKLPEEELKKKIEEFANFFIENKDVDLDELADKILEIAEETGTHIGDIYEQLVALAPDEETLRTLTLALVRLLGRRKEPL
DLDLVRLLVETLVLDLGATDLAVEVVKLAFSLAKKKEQLEKLLKAIDEVIEKARKEKGMDAAAEKLREVKEKYLLEHHHH
HH
;
_entity_poly.pdbx_strand_id   A
#
# COMPACT_ATOMS: atom_id res chain seq x y z
N LYS A 9 -20.04 -4.52 5.67
CA LYS A 9 -19.88 -3.25 6.38
C LYS A 9 -19.92 -3.47 7.89
N LYS A 10 -20.68 -4.47 8.33
CA LYS A 10 -20.77 -4.77 9.76
C LYS A 10 -19.42 -5.21 10.31
N LYS A 11 -18.73 -6.09 9.59
CA LYS A 11 -17.40 -6.52 10.01
C LYS A 11 -16.39 -5.38 9.87
N ILE A 12 -16.60 -4.49 8.89
CA ILE A 12 -15.70 -3.36 8.70
C ILE A 12 -15.75 -2.44 9.92
N GLU A 13 -16.96 -2.14 10.39
CA GLU A 13 -17.11 -1.26 11.55
C GLU A 13 -16.61 -1.94 12.83
N GLU A 14 -16.83 -3.24 12.96
CA GLU A 14 -16.39 -3.96 14.16
C GLU A 14 -14.87 -3.93 14.27
N PHE A 15 -14.16 -4.08 13.14
CA PHE A 15 -12.70 -4.02 13.17
C PHE A 15 -12.22 -2.65 13.61
N ALA A 16 -12.86 -1.59 13.12
CA ALA A 16 -12.46 -0.23 13.50
C ALA A 16 -12.69 0.00 14.99
N ASN A 17 -13.82 -0.49 15.51
CA ASN A 17 -14.08 -0.36 16.94
C ASN A 17 -13.05 -1.12 17.76
N PHE A 18 -12.59 -2.27 17.26
CA PHE A 18 -11.56 -3.02 17.96
C PHE A 18 -10.24 -2.25 18.00
N PHE A 19 -9.87 -1.60 16.90
CA PHE A 19 -8.58 -0.91 16.84
C PHE A 19 -8.53 0.28 17.77
N ILE A 20 -9.63 1.06 17.85
CA ILE A 20 -9.63 2.25 18.69
C ILE A 20 -9.49 1.91 20.16
N GLU A 21 -9.86 0.70 20.57
CA GLU A 21 -9.69 0.27 21.95
C GLU A 21 -8.29 -0.30 22.21
N ASN A 22 -7.63 -0.83 21.17
CA ASN A 22 -6.28 -1.37 21.27
C ASN A 22 -5.49 -0.82 20.08
N LYS A 23 -4.83 0.32 20.30
CA LYS A 23 -4.09 0.99 19.23
C LYS A 23 -2.66 0.48 19.08
N ASP A 24 -2.19 -0.37 19.99
CA ASP A 24 -0.79 -0.80 20.00
C ASP A 24 -0.68 -2.30 19.75
N VAL A 25 -1.61 -2.87 18.97
CA VAL A 25 -1.51 -4.29 18.64
C VAL A 25 -0.38 -4.53 17.65
N ASP A 26 0.12 -5.76 17.63
CA ASP A 26 1.16 -6.13 16.69
C ASP A 26 0.65 -6.02 15.26
N LEU A 27 1.52 -5.60 14.36
CA LEU A 27 1.14 -5.49 12.95
C LEU A 27 0.79 -6.85 12.37
N ASP A 28 1.56 -7.89 12.73
CA ASP A 28 1.27 -9.23 12.22
C ASP A 28 -0.10 -9.71 12.68
N GLU A 29 -0.42 -9.52 13.97
CA GLU A 29 -1.74 -9.88 14.44
C GLU A 29 -2.82 -9.01 13.81
N LEU A 30 -2.52 -7.72 13.62
CA LEU A 30 -3.45 -6.84 12.92
C LEU A 30 -3.69 -7.32 11.49
N ALA A 31 -2.60 -7.61 10.77
CA ALA A 31 -2.73 -8.05 9.38
C ALA A 31 -3.53 -9.34 9.27
N ASP A 32 -3.47 -10.20 10.29
CA ASP A 32 -4.28 -11.41 10.29
C ASP A 32 -5.77 -11.07 10.32
N LYS A 33 -6.14 -10.02 11.06
CA LYS A 33 -7.54 -9.62 11.15
C LYS A 33 -8.07 -9.16 9.79
N ILE A 34 -7.28 -8.35 9.07
CA ILE A 34 -7.72 -7.90 7.74
C ILE A 34 -7.89 -9.09 6.81
N LEU A 35 -6.95 -10.03 6.84
CA LEU A 35 -7.05 -11.21 5.99
C LEU A 35 -8.28 -12.06 6.35
N GLU A 36 -8.65 -12.08 7.63
CA GLU A 36 -9.81 -12.87 8.04
C GLU A 36 -11.09 -12.34 7.39
N ILE A 37 -11.26 -11.02 7.35
CA ILE A 37 -12.45 -10.45 6.73
C ILE A 37 -12.42 -10.65 5.21
N ALA A 38 -11.23 -10.51 4.61
CA ALA A 38 -11.12 -10.64 3.16
C ALA A 38 -11.50 -12.04 2.70
N GLU A 39 -11.05 -13.07 3.40
CA GLU A 39 -11.36 -14.44 3.01
C GLU A 39 -12.78 -14.84 3.38
N GLU A 40 -13.31 -14.31 4.49
CA GLU A 40 -14.66 -14.70 4.91
C GLU A 40 -15.72 -14.13 3.99
N THR A 41 -15.60 -12.86 3.61
CA THR A 41 -16.59 -12.21 2.77
C THR A 41 -16.23 -12.24 1.28
N GLY A 42 -15.12 -12.86 0.91
CA GLY A 42 -14.74 -12.91 -0.49
C GLY A 42 -14.36 -11.59 -1.09
N THR A 43 -13.99 -10.61 -0.26
CA THR A 43 -13.62 -9.29 -0.73
C THR A 43 -12.10 -9.19 -0.84
N HIS A 44 -11.64 -8.47 -1.86
CA HIS A 44 -10.21 -8.22 -2.01
C HIS A 44 -9.70 -7.37 -0.86
N ILE A 45 -8.44 -7.61 -0.49
CA ILE A 45 -7.83 -6.85 0.60
C ILE A 45 -7.77 -5.37 0.27
N GLY A 46 -7.59 -5.04 -1.02
CA GLY A 46 -7.55 -3.64 -1.41
C GLY A 46 -8.85 -2.92 -1.13
N ASP A 47 -9.99 -3.58 -1.38
CA ASP A 47 -11.28 -2.98 -1.07
C ASP A 47 -11.44 -2.76 0.43
N ILE A 48 -10.97 -3.70 1.24
CA ILE A 48 -11.02 -3.53 2.70
C ILE A 48 -10.17 -2.34 3.12
N TYR A 49 -8.96 -2.23 2.56
CA TYR A 49 -8.08 -1.12 2.90
C TYR A 49 -8.69 0.22 2.49
N GLU A 50 -9.29 0.28 1.29
CA GLU A 50 -9.88 1.52 0.82
C GLU A 50 -11.01 1.97 1.73
N GLN A 51 -11.86 1.04 2.17
CA GLN A 51 -12.92 1.38 3.11
C GLN A 51 -12.33 1.77 4.47
N LEU A 52 -11.27 1.09 4.90
CA LEU A 52 -10.67 1.40 6.19
C LEU A 52 -9.98 2.75 6.20
N VAL A 53 -9.42 3.17 5.07
CA VAL A 53 -8.81 4.49 5.00
C VAL A 53 -9.86 5.58 5.22
N ALA A 54 -11.02 5.43 4.60
CA ALA A 54 -12.10 6.39 4.79
C ALA A 54 -12.64 6.40 6.21
N LEU A 55 -12.45 5.31 6.96
CA LEU A 55 -12.94 5.21 8.32
C LEU A 55 -11.89 5.58 9.37
N ALA A 56 -10.67 5.92 8.95
CA ALA A 56 -9.62 6.25 9.91
C ALA A 56 -9.91 7.62 10.53
N PRO A 57 -10.01 7.72 11.86
CA PRO A 57 -10.35 9.02 12.47
C PRO A 57 -9.18 9.97 12.61
N ASP A 58 -7.94 9.48 12.58
CA ASP A 58 -6.77 10.34 12.77
C ASP A 58 -5.61 9.77 11.97
N GLU A 59 -4.49 10.49 11.99
CA GLU A 59 -3.31 10.07 11.24
C GLU A 59 -2.72 8.78 11.81
N GLU A 60 -2.74 8.63 13.13
CA GLU A 60 -2.18 7.43 13.75
C GLU A 60 -2.92 6.17 13.29
N THR A 61 -4.25 6.24 13.23
CA THR A 61 -5.02 5.09 12.73
C THR A 61 -4.70 4.79 11.28
N LEU A 62 -4.61 5.83 10.45
CA LEU A 62 -4.27 5.62 9.04
C LEU A 62 -2.88 5.04 8.89
N ARG A 63 -1.93 5.53 9.70
CA ARG A 63 -0.56 5.04 9.62
C ARG A 63 -0.46 3.58 10.03
N THR A 64 -1.02 3.23 11.20
CA THR A 64 -0.94 1.86 11.68
C THR A 64 -1.64 0.89 10.74
N LEU A 65 -2.80 1.29 10.21
CA LEU A 65 -3.51 0.44 9.26
C LEU A 65 -2.69 0.21 8.00
N THR A 66 -2.05 1.27 7.49
CA THR A 66 -1.23 1.12 6.30
C THR A 66 -0.05 0.20 6.54
N LEU A 67 0.59 0.32 7.70
CA LEU A 67 1.71 -0.56 8.03
C LEU A 67 1.27 -2.01 8.09
N ALA A 68 0.10 -2.27 8.68
CA ALA A 68 -0.44 -3.63 8.69
C ALA A 68 -0.70 -4.14 7.29
N LEU A 69 -1.23 -3.26 6.42
CA LEU A 69 -1.48 -3.66 5.04
C LEU A 69 -0.18 -4.00 4.31
N VAL A 70 0.87 -3.20 4.52
CA VAL A 70 2.15 -3.48 3.89
C VAL A 70 2.68 -4.83 4.36
N ARG A 71 2.59 -5.10 5.66
CA ARG A 71 2.99 -6.40 6.18
C ARG A 71 2.17 -7.53 5.57
N LEU A 72 0.86 -7.33 5.44
CA LEU A 72 0.01 -8.33 4.80
C LEU A 72 0.39 -8.53 3.34
N LEU A 73 0.70 -7.43 2.64
CA LEU A 73 1.08 -7.54 1.24
C LEU A 73 2.33 -8.41 1.06
N GLY A 74 3.28 -8.30 1.99
CA GLY A 74 4.49 -9.10 1.91
C GLY A 74 4.26 -10.58 2.09
N ARG A 75 3.16 -10.96 2.74
CA ARG A 75 2.86 -12.38 2.92
C ARG A 75 2.44 -13.06 1.63
N ARG A 76 2.02 -12.28 0.62
CA ARG A 76 1.62 -12.82 -0.68
C ARG A 76 0.51 -13.86 -0.54
N LYS A 77 -0.45 -13.58 0.36
CA LYS A 77 -1.57 -14.49 0.58
C LYS A 77 -2.68 -14.30 -0.45
N GLU A 78 -2.61 -13.29 -1.29
CA GLU A 78 -3.56 -13.04 -2.35
C GLU A 78 -2.80 -12.62 -3.59
N PRO A 79 -3.39 -12.78 -4.78
CA PRO A 79 -2.72 -12.34 -6.01
C PRO A 79 -2.46 -10.84 -5.98
N LEU A 80 -1.51 -10.43 -6.82
CA LEU A 80 -1.06 -9.03 -6.84
C LEU A 80 -2.20 -8.08 -7.14
N ASP A 81 -2.57 -7.27 -6.16
CA ASP A 81 -3.61 -6.25 -6.31
C ASP A 81 -2.91 -4.92 -6.58
N LEU A 82 -2.93 -4.47 -7.83
CA LEU A 82 -2.24 -3.24 -8.18
C LEU A 82 -2.97 -2.01 -7.68
N ASP A 83 -4.31 -2.04 -7.62
CA ASP A 83 -5.04 -0.93 -7.04
C ASP A 83 -4.68 -0.74 -5.57
N LEU A 84 -4.53 -1.85 -4.84
CA LEU A 84 -4.05 -1.77 -3.46
C LEU A 84 -2.63 -1.20 -3.41
N VAL A 85 -1.77 -1.63 -4.34
CA VAL A 85 -0.39 -1.14 -4.37
C VAL A 85 -0.36 0.37 -4.61
N ARG A 86 -1.16 0.83 -5.57
CA ARG A 86 -1.18 2.26 -5.88
C ARG A 86 -1.66 3.07 -4.67
N LEU A 87 -2.70 2.59 -3.99
CA LEU A 87 -3.17 3.28 -2.79
C LEU A 87 -2.12 3.25 -1.70
N LEU A 88 -1.46 2.11 -1.50
CA LEU A 88 -0.40 2.01 -0.49
C LEU A 88 0.73 2.98 -0.80
N VAL A 89 1.18 3.01 -2.05
CA VAL A 89 2.28 3.89 -2.44
C VAL A 89 1.88 5.35 -2.28
N GLU A 90 0.66 5.69 -2.71
CA GLU A 90 0.19 7.07 -2.59
C GLU A 90 0.11 7.49 -1.13
N THR A 91 -0.45 6.63 -0.28
CA THR A 91 -0.59 6.98 1.13
C THR A 91 0.76 7.08 1.83
N LEU A 92 1.67 6.16 1.53
CA LEU A 92 2.98 6.17 2.19
C LEU A 92 3.80 7.38 1.78
N VAL A 93 3.70 7.80 0.52
CA VAL A 93 4.51 8.91 0.04
C VAL A 93 3.87 10.24 0.38
N LEU A 94 2.59 10.42 0.03
CA LEU A 94 1.96 11.72 0.11
C LEU A 94 1.27 12.00 1.44
N ASP A 95 1.00 10.97 2.24
CA ASP A 95 0.24 11.16 3.48
C ASP A 95 1.01 10.81 4.74
N LEU A 96 1.98 9.90 4.68
CA LEU A 96 2.65 9.42 5.87
C LEU A 96 4.14 9.75 5.92
N GLY A 97 4.71 10.32 4.86
CA GLY A 97 6.14 10.56 4.85
C GLY A 97 6.95 9.30 5.00
N ALA A 98 6.55 8.24 4.32
CA ALA A 98 7.18 6.93 4.41
C ALA A 98 7.59 6.43 3.03
N THR A 99 8.27 7.29 2.28
CA THR A 99 8.69 6.95 0.92
C THR A 99 9.56 5.70 0.90
N ASP A 100 10.35 5.47 1.94
CA ASP A 100 11.19 4.27 1.99
C ASP A 100 10.34 3.01 1.98
N LEU A 101 9.23 3.00 2.72
CA LEU A 101 8.33 1.86 2.69
C LEU A 101 7.63 1.73 1.35
N ALA A 102 7.29 2.87 0.73
CA ALA A 102 6.69 2.84 -0.60
C ALA A 102 7.64 2.20 -1.62
N VAL A 103 8.94 2.46 -1.48
CA VAL A 103 9.93 1.82 -2.35
C VAL A 103 9.90 0.32 -2.15
N GLU A 104 9.79 -0.14 -0.90
CA GLU A 104 9.69 -1.57 -0.63
C GLU A 104 8.46 -2.18 -1.29
N VAL A 105 7.31 -1.47 -1.21
CA VAL A 105 6.10 -1.96 -1.85
C VAL A 105 6.28 -2.02 -3.36
N VAL A 106 6.87 -0.96 -3.94
CA VAL A 106 7.09 -0.93 -5.38
C VAL A 106 8.03 -2.06 -5.80
N LYS A 107 9.12 -2.26 -5.04
CA LYS A 107 10.03 -3.36 -5.33
C LYS A 107 9.34 -4.71 -5.19
N LEU A 108 8.51 -4.87 -4.16
CA LEU A 108 7.74 -6.10 -4.01
C LEU A 108 6.77 -6.28 -5.16
N ALA A 109 6.09 -5.20 -5.58
CA ALA A 109 5.18 -5.29 -6.71
C ALA A 109 5.92 -5.63 -8.00
N PHE A 110 7.12 -5.08 -8.17
CA PHE A 110 7.91 -5.39 -9.37
C PHE A 110 8.23 -6.88 -9.45
N SER A 111 8.60 -7.49 -8.32
CA SER A 111 8.95 -8.90 -8.31
C SER A 111 7.75 -9.81 -8.53
N LEU A 112 6.54 -9.31 -8.31
CA LEU A 112 5.33 -10.11 -8.48
C LEU A 112 4.60 -9.86 -9.79
N ALA A 113 4.91 -8.77 -10.48
CA ALA A 113 4.23 -8.44 -11.74
C ALA A 113 4.90 -9.22 -12.87
N LYS A 114 4.35 -10.40 -13.16
CA LYS A 114 4.90 -11.26 -14.20
C LYS A 114 4.32 -10.99 -15.57
N LYS A 115 3.09 -10.49 -15.64
CA LYS A 115 2.43 -10.22 -16.92
C LYS A 115 2.66 -8.78 -17.36
N LYS A 116 2.62 -8.58 -18.67
CA LYS A 116 2.85 -7.24 -19.23
C LYS A 116 1.76 -6.27 -18.77
N GLU A 117 0.50 -6.73 -18.74
CA GLU A 117 -0.59 -5.86 -18.31
C GLU A 117 -0.40 -5.41 -16.86
N GLN A 118 -0.04 -6.36 -15.98
CA GLN A 118 0.26 -6.00 -14.60
C GLN A 118 1.43 -5.03 -14.54
N LEU A 119 2.46 -5.27 -15.34
CA LEU A 119 3.62 -4.38 -15.32
C LEU A 119 3.24 -2.98 -15.78
N GLU A 120 2.54 -2.89 -16.91
CA GLU A 120 2.23 -1.59 -17.49
C GLU A 120 1.44 -0.71 -16.53
N LYS A 121 0.47 -1.30 -15.83
CA LYS A 121 -0.31 -0.52 -14.87
C LYS A 121 0.55 -0.10 -13.68
N LEU A 122 1.50 -0.95 -13.28
CA LEU A 122 2.38 -0.59 -12.16
C LEU A 122 3.28 0.59 -12.52
N LEU A 123 3.83 0.62 -13.74
CA LEU A 123 4.62 1.78 -14.14
C LEU A 123 3.77 3.04 -14.20
N LYS A 124 2.54 2.93 -14.71
CA LYS A 124 1.66 4.09 -14.75
C LYS A 124 1.33 4.56 -13.34
N ALA A 125 1.14 3.62 -12.41
CA ALA A 125 0.89 4.00 -11.01
C ALA A 125 2.08 4.73 -10.42
N ILE A 126 3.30 4.24 -10.68
CA ILE A 126 4.50 4.89 -10.17
C ILE A 126 4.64 6.29 -10.76
N ASP A 127 4.34 6.43 -12.06
CA ASP A 127 4.40 7.75 -12.69
C ASP A 127 3.41 8.71 -12.07
N GLU A 128 2.19 8.24 -11.78
CA GLU A 128 1.16 9.10 -11.23
C GLU A 128 1.55 9.64 -9.86
N VAL A 129 2.09 8.77 -8.99
CA VAL A 129 2.52 9.22 -7.67
C VAL A 129 3.67 10.21 -7.79
N ILE A 130 4.56 10.00 -8.76
CA ILE A 130 5.66 10.92 -8.98
C ILE A 130 5.15 12.31 -9.35
N GLU A 131 4.16 12.35 -10.27
CA GLU A 131 3.60 13.62 -10.68
C GLU A 131 2.92 14.34 -9.51
N LYS A 132 2.17 13.59 -8.70
CA LYS A 132 1.53 14.19 -7.53
C LYS A 132 2.58 14.65 -6.51
N ALA A 133 3.63 13.86 -6.31
CA ALA A 133 4.66 14.24 -5.36
C ALA A 133 5.37 15.52 -5.78
N ARG A 134 5.68 15.65 -7.07
CA ARG A 134 6.34 16.85 -7.55
C ARG A 134 5.44 18.08 -7.50
N LYS A 135 4.13 17.89 -7.34
CA LYS A 135 3.23 19.02 -7.18
C LYS A 135 3.35 19.66 -5.80
N GLU A 136 3.84 18.92 -4.81
CA GLU A 136 4.06 19.47 -3.47
C GLU A 136 5.45 20.06 -3.37
N LYS A 137 5.59 21.03 -2.47
CA LYS A 137 6.84 21.79 -2.37
C LYS A 137 8.01 20.89 -1.96
N GLY A 138 7.94 20.33 -0.76
CA GLY A 138 9.08 19.61 -0.21
C GLY A 138 9.05 18.11 -0.43
N MET A 139 8.60 17.67 -1.60
CA MET A 139 8.54 16.25 -1.93
C MET A 139 9.38 15.92 -3.17
N ASP A 140 10.31 16.80 -3.56
CA ASP A 140 11.16 16.52 -4.70
C ASP A 140 12.07 15.32 -4.43
N ALA A 141 12.59 15.22 -3.20
CA ALA A 141 13.43 14.08 -2.85
C ALA A 141 12.65 12.77 -2.92
N ALA A 142 11.42 12.77 -2.41
CA ALA A 142 10.60 11.57 -2.46
C ALA A 142 10.30 11.16 -3.90
N ALA A 143 10.01 12.14 -4.77
CA ALA A 143 9.74 11.82 -6.17
C ALA A 143 10.94 11.21 -6.85
N GLU A 144 12.14 11.72 -6.53
CA GLU A 144 13.35 11.18 -7.13
C GLU A 144 13.58 9.72 -6.72
N LYS A 145 13.30 9.40 -5.45
CA LYS A 145 13.47 8.03 -4.99
C LYS A 145 12.56 7.07 -5.74
N LEU A 146 11.31 7.48 -6.00
CA LEU A 146 10.41 6.64 -6.78
C LEU A 146 10.90 6.49 -8.22
N ARG A 147 11.41 7.57 -8.81
CA ARG A 147 11.92 7.48 -10.18
C ARG A 147 13.12 6.55 -10.27
N GLU A 148 14.01 6.59 -9.27
CA GLU A 148 15.22 5.78 -9.31
C GLU A 148 14.89 4.28 -9.28
N VAL A 149 13.97 3.87 -8.41
CA VAL A 149 13.64 2.45 -8.31
C VAL A 149 12.93 1.97 -9.57
N LYS A 150 12.09 2.82 -10.17
CA LYS A 150 11.48 2.47 -11.45
C LYS A 150 12.55 2.37 -12.55
N GLU A 151 13.46 3.34 -12.58
CA GLU A 151 14.55 3.30 -13.55
C GLU A 151 15.45 2.09 -13.31
N LYS A 152 15.70 1.76 -12.04
CA LYS A 152 16.54 0.61 -11.73
C LYS A 152 15.93 -0.69 -12.26
N TYR A 153 14.61 -0.85 -12.10
CA TYR A 153 13.97 -2.06 -12.60
C TYR A 153 14.09 -2.14 -14.12
N LEU A 154 13.80 -1.04 -14.82
CA LEU A 154 13.82 -1.07 -16.28
C LEU A 154 15.22 -1.34 -16.81
N LEU A 155 16.24 -0.73 -16.19
CA LEU A 155 17.62 -0.94 -16.64
C LEU A 155 18.05 -2.38 -16.40
N GLU A 156 17.77 -2.93 -15.22
CA GLU A 156 18.22 -4.28 -14.91
C GLU A 156 17.49 -5.32 -15.74
N HIS A 157 16.27 -5.02 -16.20
CA HIS A 157 15.57 -5.94 -17.07
C HIS A 157 16.31 -6.16 -18.38
N HIS A 158 16.87 -5.08 -18.94
CA HIS A 158 17.69 -5.19 -20.14
C HIS A 158 19.13 -5.58 -19.83
N HIS A 159 19.53 -5.59 -18.56
CA HIS A 159 20.89 -5.95 -18.19
C HIS A 159 21.10 -7.46 -18.28
#